data_1W9B
#
_entry.id   1W9B
#
_cell.length_a   135.300
_cell.length_b   137.200
_cell.length_c   80.600
_cell.angle_alpha   90.00
_cell.angle_beta   90.00
_cell.angle_gamma   90.00
#
_symmetry.space_group_name_H-M   'C 2 2 21'
#
loop_
_entity.id
_entity.type
_entity.pdbx_description
1 polymer GLYCOSIDASE
2 branched 2-acetamido-2-deoxy-beta-D-glucopyranose-(1-4)-2-acetamido-2-deoxy-beta-D-glucopyranose
3 branched beta-D-xylopyranose-(1-2)-beta-D-mannopyranose-(1-4)-2-acetamido-2-deoxy-beta-D-glucopyranose-(1-4)-[alpha-L-fucopyranose-(1-3)]2-acetamido-2-deoxy-beta-D-glucopyranose
4 branched beta-D-xylopyranose-(1-2)-[alpha-D-mannopyranose-(1-3)][alpha-D-mannopyranose-(1-6)]beta-D-mannopyranose-(1-4)-2-acetamido-2-deoxy-beta-D-glucopyranose-(1-4)-[alpha-L-fucopyranose-(1-3)]2-acetamido-2-deoxy-beta-D-glucopyranose
5 non-polymer 2-acetamido-2-deoxy-beta-D-glucopyranose
6 non-polymer CARBA-GLUCOTROPAEOLIN
7 non-polymer GLYCEROL
8 non-polymer 'ZINC ION'
9 non-polymer 'SULFATE ION'
10 water water
#
_entity_poly.entity_id   1
_entity_poly.type   'polypeptide(L)'
_entity_poly.pdbx_seq_one_letter_code
;DEEITCQENLPFTCGNTDALNSSSFSSDFIFGVASSAYQIEGTIGRGLNIWDGFTHRYPNKSGPDHGNGDTTCDSFSYWQ
KDIDVLDELNATGYRFSIAWSRIIPRGKRSRGVNEKGIDYYHGLISGLIKKGITPFVTLFHWDLPQTLQDEYEGFLDPQI
IDDFKDYADLCFEEFGDSVKYWLTINQLYSVPTRGYGSALDAPGRCSPTVDPSCYAGNSSTEPYIVAHHQLLAHAKVVDL
YRKNYTHQGGKIGPTMITRWFLPYNDTDRHSIAATERMKEFFLGWFMGPLTNGTYPQIMIDTVGERLPSFSPEESNLVKG
SYDFLGLNYYFTQYAQPSPNPVNSTNHTAMMDAGAKLTYINASGHYIGPLFEKDKADSTDNIYYYPKGIYSVMDYFKNKY
YNPLIYVTENGISTPGDENRNQSMLDYTRIDYLCSHLCFLNKVIKEKDVNVKGYLAWALGDNYEFNKGFTVRFGLSYIDW
NNVTDRDLKKSGQWYQSFISP
;
_entity_poly.pdbx_strand_id   M
#
# COMPACT_ATOMS: atom_id res chain seq x y z
N GLU A 3 -27.07 17.59 -3.93
CA GLU A 3 -26.95 16.11 -4.08
C GLU A 3 -25.88 15.79 -5.11
N ILE A 4 -24.85 15.07 -4.68
CA ILE A 4 -23.73 14.70 -5.55
C ILE A 4 -23.99 13.38 -6.28
N THR A 5 -23.77 13.40 -7.59
CA THR A 5 -23.95 12.21 -8.41
C THR A 5 -22.61 11.85 -9.04
N CYS A 6 -22.19 10.60 -8.86
CA CYS A 6 -20.93 10.13 -9.43
C CYS A 6 -21.16 8.98 -10.39
N GLN A 7 -20.35 8.93 -11.44
CA GLN A 7 -20.44 7.89 -12.45
C GLN A 7 -19.69 6.62 -12.03
N GLU A 8 -20.24 5.48 -12.42
CA GLU A 8 -19.64 4.18 -12.12
C GLU A 8 -19.16 3.46 -13.36
N ASN A 9 -19.65 3.91 -14.52
CA ASN A 9 -19.29 3.26 -15.79
C ASN A 9 -18.78 4.26 -16.82
N LEU A 10 -18.03 3.75 -17.79
CA LEU A 10 -17.52 4.57 -18.88
C LEU A 10 -18.73 5.00 -19.71
N PRO A 11 -18.71 6.21 -20.28
CA PRO A 11 -17.64 7.20 -20.17
C PRO A 11 -17.76 8.06 -18.92
N PHE A 12 -16.64 8.57 -18.45
CA PHE A 12 -16.62 9.45 -17.28
C PHE A 12 -16.49 10.88 -17.74
N THR A 13 -17.10 11.80 -16.99
CA THR A 13 -17.03 13.21 -17.31
C THR A 13 -16.43 14.00 -16.15
N CYS A 14 -15.92 13.28 -15.15
CA CYS A 14 -15.32 13.91 -13.98
C CYS A 14 -13.97 14.56 -14.23
N GLY A 15 -13.45 14.39 -15.44
CA GLY A 15 -12.17 14.98 -15.80
C GLY A 15 -12.29 16.47 -16.06
N ASN A 16 -13.54 16.95 -16.09
CA ASN A 16 -13.82 18.37 -16.30
C ASN A 16 -13.68 19.09 -14.97
N THR A 17 -12.61 19.87 -14.83
CA THR A 17 -12.35 20.60 -13.59
C THR A 17 -13.39 21.66 -13.22
N ASP A 18 -14.29 21.97 -14.15
CA ASP A 18 -15.35 22.94 -13.87
C ASP A 18 -16.43 22.26 -13.01
N ALA A 19 -16.50 20.94 -13.13
CA ALA A 19 -17.46 20.13 -12.39
C ALA A 19 -16.86 19.56 -11.10
N LEU A 20 -15.62 19.06 -11.20
CA LEU A 20 -14.95 18.47 -10.05
C LEU A 20 -13.53 19.01 -9.89
N ASN A 21 -13.25 19.57 -8.72
CA ASN A 21 -11.93 20.11 -8.43
C ASN A 21 -11.67 20.13 -6.92
N SER A 22 -10.50 20.62 -6.52
CA SER A 22 -10.13 20.66 -5.11
C SER A 22 -11.05 21.51 -4.25
N SER A 23 -11.71 22.51 -4.85
CA SER A 23 -12.64 23.37 -4.12
C SER A 23 -13.88 22.62 -3.65
N SER A 24 -14.10 21.44 -4.23
CA SER A 24 -15.24 20.59 -3.87
C SER A 24 -14.99 20.02 -2.47
N PHE A 25 -13.71 19.94 -2.09
CA PHE A 25 -13.30 19.41 -0.78
C PHE A 25 -13.05 20.55 0.21
N SER A 26 -12.86 20.20 1.48
CA SER A 26 -12.59 21.20 2.52
C SER A 26 -11.27 21.91 2.23
N SER A 27 -11.20 23.18 2.59
CA SER A 27 -10.02 24.02 2.35
C SER A 27 -8.67 23.42 2.76
N ASP A 28 -8.66 22.66 3.85
CA ASP A 28 -7.41 22.08 4.34
C ASP A 28 -7.10 20.68 3.82
N PHE A 29 -7.95 20.16 2.94
CA PHE A 29 -7.78 18.82 2.39
C PHE A 29 -6.46 18.72 1.63
N ILE A 30 -5.67 17.70 1.95
CA ILE A 30 -4.38 17.50 1.31
C ILE A 30 -4.47 16.68 0.03
N PHE A 31 -3.80 17.17 -1.02
CA PHE A 31 -3.76 16.48 -2.30
C PHE A 31 -2.31 16.29 -2.70
N GLY A 32 -1.97 15.07 -3.10
CA GLY A 32 -0.61 14.81 -3.50
C GLY A 32 -0.45 13.48 -4.20
N VAL A 33 0.76 12.96 -4.16
CA VAL A 33 1.08 11.69 -4.78
C VAL A 33 1.93 10.87 -3.83
N ALA A 34 2.15 9.61 -4.17
CA ALA A 34 2.91 8.70 -3.31
C ALA A 34 3.97 7.93 -4.07
N SER A 35 4.93 7.36 -3.32
CA SER A 35 6.02 6.57 -3.89
C SER A 35 6.58 5.68 -2.77
N SER A 36 7.52 4.81 -3.11
CA SER A 36 8.18 3.96 -2.13
C SER A 36 9.68 3.86 -2.47
N ALA A 37 10.50 3.71 -1.45
CA ALA A 37 11.95 3.67 -1.59
C ALA A 37 12.53 2.65 -2.56
N TYR A 38 12.14 1.38 -2.41
CA TYR A 38 12.67 0.36 -3.31
C TYR A 38 12.33 0.66 -4.77
N GLN A 39 11.13 1.17 -4.98
CA GLN A 39 10.66 1.47 -6.32
C GLN A 39 11.27 2.65 -7.02
N ILE A 40 11.77 3.64 -6.27
CA ILE A 40 12.31 4.83 -6.91
C ILE A 40 13.78 5.23 -6.69
N GLU A 41 14.38 4.80 -5.58
CA GLU A 41 15.74 5.25 -5.28
C GLU A 41 16.94 4.67 -6.02
N GLY A 42 17.00 3.35 -6.05
CA GLY A 42 18.13 2.66 -6.64
C GLY A 42 18.94 2.15 -5.46
N THR A 43 19.85 1.20 -5.72
CA THR A 43 20.66 0.62 -4.65
C THR A 43 21.86 1.47 -4.24
N ILE A 44 22.21 2.45 -5.07
CA ILE A 44 23.35 3.31 -4.75
C ILE A 44 23.22 3.95 -3.38
N GLY A 45 24.27 3.82 -2.57
CA GLY A 45 24.28 4.42 -1.25
C GLY A 45 23.56 3.69 -0.14
N ARG A 46 23.06 2.48 -0.41
CA ARG A 46 22.37 1.74 0.63
C ARG A 46 22.77 0.28 0.69
N GLY A 47 22.41 -0.36 1.79
CA GLY A 47 22.67 -1.77 1.97
C GLY A 47 21.63 -2.55 1.18
N LEU A 48 21.74 -3.87 1.22
CA LEU A 48 20.81 -4.73 0.49
C LEU A 48 19.64 -5.14 1.35
N ASN A 49 18.46 -5.20 0.74
CA ASN A 49 17.24 -5.60 1.45
C ASN A 49 16.63 -6.82 0.77
N ILE A 50 15.54 -7.34 1.35
CA ILE A 50 14.92 -8.53 0.79
C ILE A 50 14.32 -8.38 -0.59
N TRP A 51 14.04 -7.16 -1.02
CA TRP A 51 13.52 -7.00 -2.36
C TRP A 51 14.68 -7.12 -3.36
N ASP A 52 15.88 -6.69 -2.95
CA ASP A 52 17.05 -6.86 -3.79
C ASP A 52 17.29 -8.37 -3.85
N GLY A 53 17.25 -9.01 -2.68
CA GLY A 53 17.46 -10.44 -2.59
C GLY A 53 16.49 -11.27 -3.39
N PHE A 54 15.21 -10.95 -3.24
CA PHE A 54 14.13 -11.65 -3.93
C PHE A 54 14.20 -11.49 -5.45
N THR A 55 14.34 -10.25 -5.92
CA THR A 55 14.39 -10.00 -7.35
C THR A 55 15.61 -10.61 -8.02
N HIS A 56 16.69 -10.75 -7.26
CA HIS A 56 17.93 -11.31 -7.80
C HIS A 56 17.99 -12.84 -7.74
N ARG A 57 17.41 -13.42 -6.70
CA ARG A 57 17.41 -14.87 -6.57
C ARG A 57 16.31 -15.50 -7.44
N TYR A 58 15.20 -14.78 -7.58
CA TYR A 58 14.06 -15.23 -8.36
C TYR A 58 13.71 -14.19 -9.41
N PRO A 59 14.55 -14.06 -10.45
CA PRO A 59 14.29 -13.06 -11.51
C PRO A 59 12.92 -13.15 -12.16
N ASN A 60 12.41 -14.36 -12.34
CA ASN A 60 11.10 -14.54 -12.95
C ASN A 60 9.98 -13.93 -12.10
N LYS A 61 10.22 -13.84 -10.79
CA LYS A 61 9.23 -13.27 -9.87
C LYS A 61 9.33 -11.75 -9.75
N SER A 62 10.47 -11.18 -10.14
CA SER A 62 10.65 -9.73 -10.05
C SER A 62 9.76 -9.02 -11.09
N GLY A 63 9.53 -9.71 -12.20
CA GLY A 63 8.70 -9.16 -13.27
C GLY A 63 8.91 -9.96 -14.53
N PRO A 64 8.00 -9.87 -15.51
CA PRO A 64 8.14 -10.61 -16.76
C PRO A 64 9.42 -10.23 -17.51
N ASP A 65 9.87 -9.00 -17.29
CA ASP A 65 11.08 -8.48 -17.91
C ASP A 65 12.31 -8.66 -17.01
N HIS A 66 12.11 -9.33 -15.87
CA HIS A 66 13.18 -9.55 -14.90
C HIS A 66 13.73 -8.24 -14.35
N GLY A 67 12.95 -7.17 -14.50
CA GLY A 67 13.36 -5.86 -14.01
C GLY A 67 13.34 -5.82 -12.50
N ASN A 68 14.16 -4.95 -11.92
CA ASN A 68 14.23 -4.80 -10.47
C ASN A 68 14.50 -3.34 -10.10
N GLY A 69 14.69 -3.08 -8.81
CA GLY A 69 14.94 -1.72 -8.35
C GLY A 69 16.38 -1.28 -8.29
N ASP A 70 17.26 -1.92 -9.06
CA ASP A 70 18.68 -1.57 -9.05
C ASP A 70 18.97 -0.10 -9.32
N THR A 71 18.35 0.42 -10.36
CA THR A 71 18.57 1.81 -10.72
C THR A 71 17.25 2.55 -10.80
N THR A 72 16.24 1.88 -11.37
CA THR A 72 14.91 2.44 -11.54
C THR A 72 14.96 3.91 -11.96
N CYS A 73 14.08 4.76 -11.42
CA CYS A 73 14.09 6.16 -11.81
C CYS A 73 15.20 6.99 -11.16
N ASP A 74 16.04 6.33 -10.36
CA ASP A 74 17.19 6.96 -9.70
C ASP A 74 16.82 8.21 -8.90
N SER A 75 15.87 8.08 -7.98
CA SER A 75 15.49 9.21 -7.15
C SER A 75 16.57 9.55 -6.13
N PHE A 76 17.57 8.69 -6.04
CA PHE A 76 18.68 8.95 -5.13
C PHE A 76 19.38 10.19 -5.68
N SER A 77 19.64 10.19 -6.99
CA SER A 77 20.29 11.31 -7.65
C SER A 77 19.29 12.40 -8.02
N TYR A 78 18.10 11.99 -8.43
CA TYR A 78 17.08 12.94 -8.88
C TYR A 78 15.92 13.26 -7.94
N TRP A 79 16.17 13.23 -6.64
CA TRP A 79 15.15 13.55 -5.65
C TRP A 79 14.60 14.96 -5.85
N GLN A 80 15.46 15.87 -6.32
CA GLN A 80 15.04 17.25 -6.56
C GLN A 80 14.01 17.30 -7.68
N LYS A 81 14.15 16.40 -8.66
CA LYS A 81 13.22 16.34 -9.78
C LYS A 81 11.85 15.90 -9.27
N ASP A 82 11.85 15.09 -8.20
CA ASP A 82 10.59 14.64 -7.61
C ASP A 82 9.91 15.85 -6.98
N ILE A 83 10.68 16.64 -6.24
CA ILE A 83 10.14 17.84 -5.60
C ILE A 83 9.61 18.80 -6.67
N ASP A 84 10.30 18.87 -7.81
CA ASP A 84 9.88 19.75 -8.90
C ASP A 84 8.52 19.34 -9.45
N VAL A 85 8.27 18.03 -9.55
CA VAL A 85 6.98 17.52 -10.03
C VAL A 85 5.89 17.93 -9.05
N LEU A 86 6.16 17.77 -7.77
CA LEU A 86 5.21 18.11 -6.71
C LEU A 86 4.92 19.60 -6.73
N ASP A 87 5.97 20.40 -6.96
CA ASP A 87 5.85 21.85 -7.03
C ASP A 87 4.98 22.24 -8.23
N GLU A 88 5.20 21.57 -9.35
CA GLU A 88 4.45 21.82 -10.57
C GLU A 88 2.97 21.50 -10.37
N LEU A 89 2.69 20.42 -9.63
CA LEU A 89 1.32 20.01 -9.34
C LEU A 89 0.66 20.90 -8.29
N ASN A 90 1.48 21.67 -7.56
CA ASN A 90 1.02 22.52 -6.46
C ASN A 90 0.45 21.56 -5.40
N ALA A 91 1.09 20.39 -5.30
CA ALA A 91 0.70 19.38 -4.34
C ALA A 91 0.96 19.89 -2.93
N THR A 92 0.12 19.48 -1.99
CA THR A 92 0.28 19.88 -0.61
C THR A 92 0.73 18.69 0.25
N GLY A 93 0.86 17.54 -0.38
CA GLY A 93 1.30 16.35 0.33
C GLY A 93 2.10 15.41 -0.54
N TYR A 94 3.01 14.66 0.08
CA TYR A 94 3.83 13.70 -0.64
C TYR A 94 4.15 12.55 0.29
N ARG A 95 3.80 11.35 -0.16
CA ARG A 95 4.10 10.18 0.63
C ARG A 95 5.27 9.44 0.01
N PHE A 96 6.29 9.21 0.81
CA PHE A 96 7.47 8.48 0.37
C PHE A 96 7.87 7.58 1.52
N SER A 97 8.76 6.64 1.26
CA SER A 97 9.19 5.76 2.33
C SER A 97 10.68 5.89 2.56
N ILE A 98 11.10 5.58 3.79
CA ILE A 98 12.50 5.59 4.15
C ILE A 98 13.01 4.17 3.99
N ALA A 99 14.12 4.00 3.27
CA ALA A 99 14.69 2.68 3.09
C ALA A 99 15.52 2.35 4.33
N TRP A 100 15.05 1.37 5.09
CA TRP A 100 15.72 0.93 6.30
C TRP A 100 17.19 0.62 5.97
N SER A 101 17.40 -0.01 4.81
CA SER A 101 18.74 -0.36 4.35
C SER A 101 19.62 0.84 4.02
N ARG A 102 19.02 2.01 3.84
CA ARG A 102 19.78 3.21 3.53
C ARG A 102 20.30 3.87 4.80
N ILE A 103 19.50 3.87 5.87
CA ILE A 103 19.96 4.51 7.09
C ILE A 103 20.63 3.59 8.10
N ILE A 104 20.28 2.29 8.06
CA ILE A 104 20.91 1.29 8.92
C ILE A 104 21.14 0.07 8.04
N PRO A 105 22.17 0.12 7.18
CA PRO A 105 22.52 -0.97 6.27
C PRO A 105 22.68 -2.32 6.96
N ARG A 106 23.15 -2.30 8.20
CA ARG A 106 23.36 -3.54 8.94
C ARG A 106 22.13 -4.02 9.72
N GLY A 107 20.98 -3.38 9.47
CA GLY A 107 19.74 -3.77 10.12
C GLY A 107 19.54 -3.35 11.56
N LYS A 108 20.39 -3.88 12.44
CA LYS A 108 20.34 -3.56 13.86
C LYS A 108 21.06 -2.24 14.10
N ARG A 109 20.35 -1.29 14.71
CA ARG A 109 20.89 0.04 14.96
C ARG A 109 22.21 0.09 15.72
N SER A 110 22.42 -0.84 16.65
CA SER A 110 23.65 -0.87 17.44
C SER A 110 24.89 -1.13 16.58
N ARG A 111 24.67 -1.61 15.37
CA ARG A 111 25.77 -1.89 14.44
C ARG A 111 26.24 -0.64 13.71
N GLY A 112 25.54 0.47 13.94
CA GLY A 112 25.91 1.72 13.31
C GLY A 112 24.90 2.21 12.31
N VAL A 113 24.92 3.52 12.08
CA VAL A 113 24.00 4.13 11.12
C VAL A 113 24.78 4.73 9.96
N ASN A 114 24.09 4.91 8.84
CA ASN A 114 24.70 5.49 7.66
C ASN A 114 24.35 6.98 7.65
N GLU A 115 25.28 7.80 8.10
CA GLU A 115 25.06 9.24 8.16
C GLU A 115 24.71 9.85 6.80
N LYS A 116 25.32 9.35 5.73
CA LYS A 116 25.02 9.87 4.39
C LYS A 116 23.59 9.52 4.01
N GLY A 117 23.11 8.38 4.48
CA GLY A 117 21.75 7.96 4.20
C GLY A 117 20.77 8.85 4.92
N ILE A 118 21.10 9.20 6.16
CA ILE A 118 20.27 10.08 6.97
C ILE A 118 20.21 11.45 6.30
N ASP A 119 21.36 11.91 5.79
CA ASP A 119 21.44 13.19 5.10
C ASP A 119 20.57 13.22 3.85
N TYR A 120 20.50 12.09 3.15
CA TYR A 120 19.68 12.00 1.95
C TYR A 120 18.23 12.37 2.26
N TYR A 121 17.68 11.79 3.32
CA TYR A 121 16.30 12.09 3.69
C TYR A 121 16.14 13.49 4.28
N HIS A 122 17.15 13.97 4.97
CA HIS A 122 17.09 15.33 5.52
C HIS A 122 16.91 16.33 4.38
N GLY A 123 17.69 16.13 3.31
CA GLY A 123 17.62 17.01 2.15
C GLY A 123 16.27 16.96 1.48
N LEU A 124 15.74 15.75 1.33
CA LEU A 124 14.44 15.58 0.69
C LEU A 124 13.34 16.25 1.50
N ILE A 125 13.33 15.99 2.80
CA ILE A 125 12.33 16.56 3.70
C ILE A 125 12.41 18.08 3.72
N SER A 126 13.63 18.60 3.81
CA SER A 126 13.84 20.06 3.83
C SER A 126 13.32 20.68 2.55
N GLY A 127 13.58 20.02 1.42
CA GLY A 127 13.13 20.52 0.13
C GLY A 127 11.63 20.52 -0.04
N LEU A 128 10.97 19.48 0.52
CA LEU A 128 9.52 19.38 0.44
C LEU A 128 8.86 20.48 1.24
N ILE A 129 9.32 20.66 2.47
CA ILE A 129 8.77 21.68 3.37
C ILE A 129 8.95 23.08 2.80
N LYS A 130 10.08 23.32 2.15
CA LYS A 130 10.36 24.62 1.55
C LYS A 130 9.40 24.97 0.43
N LYS A 131 8.78 23.93 -0.15
CA LYS A 131 7.81 24.13 -1.22
C LYS A 131 6.38 23.98 -0.73
N GLY A 132 6.21 24.00 0.59
CA GLY A 132 4.89 23.88 1.20
C GLY A 132 4.22 22.52 1.03
N ILE A 133 5.04 21.48 0.95
CA ILE A 133 4.53 20.12 0.79
C ILE A 133 4.66 19.36 2.10
N THR A 134 3.55 18.81 2.58
CA THR A 134 3.52 18.05 3.81
C THR A 134 3.96 16.61 3.58
N PRO A 135 5.05 16.18 4.24
CA PRO A 135 5.53 14.81 4.06
C PRO A 135 4.72 13.79 4.86
N PHE A 136 4.44 12.66 4.23
CA PHE A 136 3.75 11.52 4.86
C PHE A 136 4.80 10.45 4.65
N VAL A 137 5.48 10.05 5.73
CA VAL A 137 6.57 9.10 5.62
C VAL A 137 6.31 7.69 6.11
N THR A 138 6.50 6.74 5.20
CA THR A 138 6.33 5.33 5.51
C THR A 138 7.65 4.78 6.03
N LEU A 139 7.64 4.24 7.24
CA LEU A 139 8.86 3.69 7.84
C LEU A 139 9.25 2.38 7.16
N PHE A 140 8.26 1.56 6.84
CA PHE A 140 8.57 0.28 6.24
C PHE A 140 7.69 -0.06 5.05
N HIS A 141 8.25 0.11 3.86
CA HIS A 141 7.53 -0.23 2.64
C HIS A 141 8.11 -1.52 2.03
N TRP A 142 8.12 -2.57 2.86
CA TRP A 142 8.56 -3.92 2.49
C TRP A 142 10.04 -4.22 2.31
N ASP A 143 10.86 -3.19 2.19
CA ASP A 143 12.30 -3.36 1.97
C ASP A 143 13.12 -3.63 3.23
N LEU A 144 12.91 -4.80 3.83
CA LEU A 144 13.62 -5.22 5.03
C LEU A 144 15.08 -5.55 4.74
N PRO A 145 16.02 -5.02 5.55
CA PRO A 145 17.45 -5.32 5.33
C PRO A 145 17.63 -6.83 5.24
N GLN A 146 18.36 -7.27 4.22
CA GLN A 146 18.58 -8.70 3.98
C GLN A 146 19.17 -9.43 5.18
N THR A 147 20.07 -8.76 5.89
CA THR A 147 20.70 -9.34 7.07
C THR A 147 19.69 -9.83 8.11
N LEU A 148 18.60 -9.08 8.29
CA LEU A 148 17.58 -9.47 9.27
C LEU A 148 16.79 -10.69 8.80
N GLN A 149 16.56 -10.78 7.49
CA GLN A 149 15.85 -11.93 6.96
C GLN A 149 16.77 -13.15 7.06
N ASP A 150 18.06 -12.95 6.88
CA ASP A 150 19.01 -14.05 6.97
C ASP A 150 19.33 -14.45 8.41
N GLU A 151 19.29 -13.50 9.32
CA GLU A 151 19.57 -13.80 10.73
C GLU A 151 18.44 -14.57 11.40
N TYR A 152 17.20 -14.11 11.21
CA TYR A 152 16.06 -14.74 11.87
C TYR A 152 14.78 -14.76 11.04
N GLU A 153 14.92 -14.64 9.72
CA GLU A 153 13.80 -14.63 8.80
C GLU A 153 12.82 -13.47 9.00
N GLY A 154 13.38 -12.30 9.29
CA GLY A 154 12.60 -11.08 9.44
C GLY A 154 11.35 -11.13 10.30
N PHE A 155 10.23 -10.73 9.70
CA PHE A 155 8.96 -10.70 10.43
C PHE A 155 8.42 -12.04 10.87
N LEU A 156 9.08 -13.12 10.49
CA LEU A 156 8.66 -14.46 10.91
C LEU A 156 9.06 -14.68 12.37
N ASP A 157 10.01 -13.88 12.85
CA ASP A 157 10.54 -14.01 14.22
C ASP A 157 10.25 -12.77 15.07
N PRO A 158 9.95 -12.97 16.37
CA PRO A 158 9.66 -11.85 17.26
C PRO A 158 10.82 -10.85 17.44
N GLN A 159 12.03 -11.26 17.06
CA GLN A 159 13.19 -10.37 17.16
C GLN A 159 13.02 -9.13 16.28
N ILE A 160 12.14 -9.22 15.28
CA ILE A 160 11.89 -8.09 14.39
C ILE A 160 11.30 -6.89 15.15
N ILE A 161 10.57 -7.17 16.23
CA ILE A 161 9.93 -6.11 17.00
C ILE A 161 10.93 -5.09 17.54
N ASP A 162 11.96 -5.56 18.24
CA ASP A 162 12.96 -4.64 18.78
C ASP A 162 13.81 -3.96 17.71
N ASP A 163 14.15 -4.70 16.65
CA ASP A 163 14.96 -4.11 15.57
C ASP A 163 14.16 -3.04 14.84
N PHE A 164 12.86 -3.29 14.62
CA PHE A 164 12.02 -2.31 13.95
C PHE A 164 11.83 -1.10 14.86
N LYS A 165 11.65 -1.35 16.16
CA LYS A 165 11.48 -0.27 17.12
C LYS A 165 12.70 0.64 17.14
N ASP A 166 13.90 0.05 17.14
CA ASP A 166 15.15 0.84 17.15
C ASP A 166 15.31 1.66 15.89
N TYR A 167 14.88 1.09 14.76
CA TYR A 167 14.94 1.77 13.47
C TYR A 167 13.96 2.95 13.47
N ALA A 168 12.73 2.72 13.93
CA ALA A 168 11.73 3.77 13.98
C ALA A 168 12.18 4.89 14.90
N ASP A 169 12.82 4.52 16.01
CA ASP A 169 13.30 5.50 16.97
C ASP A 169 14.31 6.42 16.30
N LEU A 170 15.20 5.86 15.49
CA LEU A 170 16.19 6.65 14.77
C LEU A 170 15.49 7.63 13.84
N CYS A 171 14.46 7.16 13.14
CA CYS A 171 13.71 8.00 12.22
C CYS A 171 13.00 9.16 12.92
N PHE A 172 12.36 8.87 14.05
CA PHE A 172 11.67 9.92 14.80
C PHE A 172 12.69 10.94 15.31
N GLU A 173 13.80 10.44 15.82
CA GLU A 173 14.88 11.28 16.35
C GLU A 173 15.45 12.21 15.29
N GLU A 174 15.74 11.63 14.11
CA GLU A 174 16.34 12.40 13.03
C GLU A 174 15.42 13.28 12.20
N PHE A 175 14.22 12.77 11.90
CA PHE A 175 13.31 13.49 11.03
C PHE A 175 12.01 14.01 11.64
N GLY A 176 11.71 13.55 12.86
CA GLY A 176 10.48 13.94 13.53
C GLY A 176 10.20 15.40 13.77
N ASP A 177 11.23 16.24 13.78
CA ASP A 177 11.03 17.67 13.99
C ASP A 177 10.38 18.31 12.76
N SER A 178 10.52 17.64 11.61
CA SER A 178 9.95 18.15 10.37
C SER A 178 8.80 17.28 9.84
N VAL A 179 8.88 15.98 10.08
CA VAL A 179 7.85 15.04 9.63
C VAL A 179 6.79 14.89 10.71
N LYS A 180 5.55 15.20 10.37
CA LYS A 180 4.44 15.13 11.33
C LYS A 180 3.40 14.06 11.01
N TYR A 181 3.62 13.31 9.93
CA TYR A 181 2.71 12.24 9.55
C TYR A 181 3.54 11.02 9.22
N TRP A 182 3.43 10.01 10.09
CA TRP A 182 4.19 8.77 9.93
C TRP A 182 3.29 7.59 9.66
N LEU A 183 3.75 6.72 8.75
CA LEU A 183 3.05 5.48 8.43
C LEU A 183 4.04 4.40 8.87
N THR A 184 3.56 3.41 9.61
CA THR A 184 4.45 2.36 10.09
C THR A 184 4.80 1.31 9.04
N ILE A 185 3.83 0.44 8.76
CA ILE A 185 4.02 -0.63 7.80
C ILE A 185 3.05 -0.50 6.63
N ASN A 186 3.57 -0.56 5.42
CA ASN A 186 2.74 -0.46 4.24
C ASN A 186 1.91 -1.71 4.00
N GLN A 187 0.61 -1.51 3.75
CA GLN A 187 -0.35 -2.59 3.49
C GLN A 187 -0.11 -3.84 4.30
N LEU A 188 -0.59 -3.83 5.54
CA LEU A 188 -0.43 -4.93 6.47
C LEU A 188 -0.73 -6.32 5.91
N TYR A 189 -1.75 -6.41 5.09
CA TYR A 189 -2.17 -7.68 4.50
C TYR A 189 -1.21 -8.29 3.49
N SER A 190 -0.46 -7.44 2.80
CA SER A 190 0.45 -7.86 1.73
C SER A 190 1.62 -8.80 2.01
N VAL A 191 2.52 -8.41 2.90
CA VAL A 191 3.67 -9.27 3.17
C VAL A 191 3.28 -10.65 3.70
N PRO A 192 2.34 -10.73 4.67
CA PRO A 192 1.98 -12.06 5.17
C PRO A 192 1.46 -12.98 4.06
N THR A 193 0.60 -12.46 3.20
CA THR A 193 0.02 -13.27 2.15
C THR A 193 0.89 -13.49 0.92
N ARG A 194 1.41 -12.39 0.35
CA ARG A 194 2.23 -12.49 -0.84
C ARG A 194 3.68 -12.91 -0.57
N GLY A 195 4.21 -12.49 0.58
CA GLY A 195 5.58 -12.82 0.90
C GLY A 195 5.79 -14.15 1.59
N TYR A 196 4.77 -14.60 2.33
CA TYR A 196 4.85 -15.85 3.08
C TYR A 196 3.75 -16.86 2.76
N GLY A 197 2.84 -16.49 1.86
CA GLY A 197 1.75 -17.38 1.48
C GLY A 197 1.90 -17.87 0.06
N SER A 198 1.75 -16.97 -0.89
CA SER A 198 1.86 -17.30 -2.31
C SER A 198 3.28 -17.16 -2.84
N ALA A 199 4.13 -16.49 -2.07
CA ALA A 199 5.53 -16.25 -2.44
C ALA A 199 5.67 -15.43 -3.71
N LEU A 200 4.69 -14.59 -3.99
CA LEU A 200 4.73 -13.73 -5.16
C LEU A 200 5.65 -12.55 -4.85
N ASP A 201 5.78 -12.24 -3.56
CA ASP A 201 6.61 -11.13 -3.10
C ASP A 201 7.73 -11.61 -2.17
N ALA A 202 8.67 -10.71 -1.91
CA ALA A 202 9.78 -10.99 -1.00
C ALA A 202 9.15 -11.23 0.38
N PRO A 203 9.75 -12.09 1.20
CA PRO A 203 10.98 -12.85 0.97
C PRO A 203 10.84 -14.06 0.05
N GLY A 204 9.60 -14.41 -0.30
CA GLY A 204 9.38 -15.55 -1.19
C GLY A 204 9.32 -16.90 -0.49
N ARG A 205 8.66 -16.94 0.66
CA ARG A 205 8.50 -18.19 1.40
C ARG A 205 7.11 -18.76 1.17
N CYS A 206 7.02 -20.09 1.15
CA CYS A 206 5.74 -20.77 0.95
C CYS A 206 5.91 -22.26 1.18
N SER A 207 4.80 -22.99 1.15
CA SER A 207 4.84 -24.44 1.32
C SER A 207 5.42 -25.02 0.02
N PRO A 208 6.18 -26.12 0.13
CA PRO A 208 6.82 -26.78 -1.01
C PRO A 208 5.92 -27.03 -2.23
N THR A 209 4.68 -27.49 -1.99
CA THR A 209 3.77 -27.77 -3.09
C THR A 209 3.04 -26.55 -3.65
N VAL A 210 3.11 -25.41 -2.96
CA VAL A 210 2.49 -24.19 -3.45
C VAL A 210 3.39 -23.64 -4.56
N ASP A 211 4.70 -23.67 -4.31
CA ASP A 211 5.69 -23.20 -5.28
C ASP A 211 7.03 -23.83 -4.91
N PRO A 212 7.51 -24.79 -5.72
CA PRO A 212 8.79 -25.47 -5.49
C PRO A 212 9.99 -24.54 -5.44
N SER A 213 9.86 -23.34 -5.99
CA SER A 213 10.96 -22.39 -5.98
C SER A 213 11.23 -21.75 -4.61
N CYS A 214 10.22 -21.74 -3.73
CA CYS A 214 10.42 -21.15 -2.40
C CYS A 214 11.54 -21.88 -1.68
N TYR A 215 12.41 -21.11 -1.02
CA TYR A 215 13.55 -21.70 -0.32
C TYR A 215 13.16 -22.39 0.98
N ALA A 216 12.00 -22.00 1.53
CA ALA A 216 11.46 -22.55 2.77
C ALA A 216 10.09 -21.93 2.98
N GLY A 217 9.40 -22.39 4.02
CA GLY A 217 8.10 -21.81 4.31
C GLY A 217 6.97 -22.77 4.60
N ASN A 218 5.82 -22.17 4.92
CA ASN A 218 4.60 -22.89 5.22
C ASN A 218 3.50 -21.86 5.01
N SER A 219 2.83 -21.96 3.87
CA SER A 219 1.78 -21.03 3.48
C SER A 219 0.56 -21.03 4.39
N SER A 220 0.37 -22.11 5.14
CA SER A 220 -0.78 -22.23 6.03
C SER A 220 -0.58 -21.57 7.40
N THR A 221 0.66 -21.51 7.87
CA THR A 221 0.96 -20.96 9.18
C THR A 221 1.72 -19.64 9.19
N GLU A 222 2.71 -19.51 8.32
CA GLU A 222 3.54 -18.32 8.30
C GLU A 222 2.84 -16.97 8.10
N PRO A 223 1.83 -16.90 7.22
CA PRO A 223 1.16 -15.61 7.05
C PRO A 223 0.58 -15.09 8.38
N TYR A 224 0.09 -15.99 9.22
CA TYR A 224 -0.49 -15.58 10.51
C TYR A 224 0.58 -15.13 11.49
N ILE A 225 1.72 -15.82 11.48
CA ILE A 225 2.83 -15.47 12.36
C ILE A 225 3.36 -14.10 11.97
N VAL A 226 3.57 -13.90 10.67
CA VAL A 226 4.09 -12.63 10.17
C VAL A 226 3.11 -11.48 10.43
N ALA A 227 1.82 -11.71 10.19
CA ALA A 227 0.80 -10.68 10.42
C ALA A 227 0.79 -10.29 11.90
N HIS A 228 0.91 -11.29 12.77
CA HIS A 228 0.93 -11.07 14.21
C HIS A 228 2.12 -10.20 14.60
N HIS A 229 3.30 -10.54 14.09
CA HIS A 229 4.50 -9.77 14.40
C HIS A 229 4.43 -8.37 13.83
N GLN A 230 3.79 -8.22 12.68
CA GLN A 230 3.62 -6.90 12.07
C GLN A 230 2.80 -6.03 13.02
N LEU A 231 1.71 -6.59 13.52
CA LEU A 231 0.85 -5.85 14.45
C LEU A 231 1.60 -5.45 15.72
N LEU A 232 2.37 -6.40 16.27
CA LEU A 232 3.14 -6.13 17.48
C LEU A 232 4.24 -5.10 17.23
N ALA A 233 4.94 -5.24 16.09
CA ALA A 233 6.02 -4.32 15.74
C ALA A 233 5.43 -2.92 15.53
N HIS A 234 4.34 -2.86 14.77
CA HIS A 234 3.65 -1.60 14.53
C HIS A 234 3.23 -0.95 15.86
N ALA A 235 2.60 -1.74 16.72
CA ALA A 235 2.12 -1.24 18.01
C ALA A 235 3.23 -0.74 18.92
N LYS A 236 4.37 -1.44 18.91
CA LYS A 236 5.51 -1.06 19.73
C LYS A 236 6.03 0.29 19.27
N VAL A 237 6.04 0.48 17.95
CA VAL A 237 6.51 1.73 17.35
C VAL A 237 5.55 2.88 17.64
N VAL A 238 4.25 2.62 17.58
CA VAL A 238 3.27 3.67 17.87
C VAL A 238 3.38 4.08 19.33
N ASP A 239 3.57 3.09 20.20
CA ASP A 239 3.72 3.34 21.64
C ASP A 239 4.97 4.20 21.87
N LEU A 240 6.05 3.88 21.18
CA LEU A 240 7.30 4.63 21.29
C LEU A 240 7.08 6.06 20.83
N TYR A 241 6.41 6.22 19.70
CA TYR A 241 6.14 7.54 19.15
C TYR A 241 5.31 8.40 20.08
N ARG A 242 4.23 7.83 20.61
CA ARG A 242 3.34 8.58 21.47
C ARG A 242 3.85 8.81 22.90
N LYS A 243 4.81 8.01 23.33
CA LYS A 243 5.36 8.18 24.68
C LYS A 243 6.66 8.97 24.72
N ASN A 244 7.48 8.83 23.68
CA ASN A 244 8.77 9.51 23.64
C ASN A 244 8.90 10.66 22.64
N TYR A 245 7.95 10.77 21.72
CA TYR A 245 8.01 11.81 20.71
C TYR A 245 6.76 12.69 20.61
N THR A 246 5.97 12.74 21.68
CA THR A 246 4.76 13.55 21.66
C THR A 246 5.07 15.04 21.52
N HIS A 247 6.30 15.42 21.86
CA HIS A 247 6.73 16.82 21.75
C HIS A 247 6.79 17.27 20.28
N GLN A 248 6.87 16.31 19.36
CA GLN A 248 6.94 16.63 17.94
C GLN A 248 5.58 17.02 17.36
N GLY A 249 4.52 16.73 18.09
CA GLY A 249 3.18 17.09 17.65
C GLY A 249 2.74 16.50 16.33
N GLY A 250 3.16 15.26 16.09
CA GLY A 250 2.79 14.59 14.86
C GLY A 250 1.79 13.48 15.09
N LYS A 251 1.47 12.77 14.02
CA LYS A 251 0.53 11.66 14.07
C LYS A 251 1.16 10.44 13.41
N ILE A 252 0.72 9.26 13.83
CA ILE A 252 1.25 8.03 13.29
C ILE A 252 0.13 7.01 13.10
N GLY A 253 0.27 6.17 12.08
CA GLY A 253 -0.73 5.15 11.83
C GLY A 253 -0.22 4.11 10.88
N PRO A 254 -0.94 2.99 10.75
CA PRO A 254 -0.57 1.90 9.84
C PRO A 254 -1.18 2.19 8.48
N THR A 255 -0.75 1.44 7.48
CA THR A 255 -1.31 1.57 6.15
C THR A 255 -2.04 0.26 5.88
N MET A 256 -3.32 0.38 5.50
CA MET A 256 -4.12 -0.78 5.20
C MET A 256 -4.39 -0.83 3.71
N ILE A 257 -4.29 -2.02 3.12
CA ILE A 257 -4.70 -2.13 1.73
C ILE A 257 -6.18 -2.45 1.91
N THR A 258 -7.03 -1.66 1.28
CA THR A 258 -8.46 -1.89 1.37
C THR A 258 -9.02 -2.25 0.02
N ARG A 259 -10.11 -3.00 0.07
CA ARG A 259 -10.86 -3.41 -1.11
C ARG A 259 -12.28 -3.47 -0.59
N TRP A 260 -13.24 -3.33 -1.47
CA TRP A 260 -14.61 -3.52 -1.03
C TRP A 260 -14.94 -4.91 -1.59
N PHE A 261 -16.00 -5.52 -1.07
CA PHE A 261 -16.41 -6.83 -1.54
C PHE A 261 -17.92 -6.82 -1.71
N LEU A 262 -18.36 -7.39 -2.83
CA LEU A 262 -19.77 -7.51 -3.16
C LEU A 262 -20.07 -8.98 -3.40
N PRO A 263 -21.31 -9.41 -3.16
CA PRO A 263 -21.64 -10.82 -3.38
C PRO A 263 -21.66 -11.15 -4.87
N TYR A 264 -21.00 -12.26 -5.22
CA TYR A 264 -20.94 -12.77 -6.58
C TYR A 264 -22.39 -12.96 -7.06
N ASN A 265 -23.25 -13.33 -6.11
CA ASN A 265 -24.68 -13.50 -6.38
C ASN A 265 -25.36 -12.87 -5.17
N ASP A 266 -25.96 -11.70 -5.39
CA ASP A 266 -26.59 -10.96 -4.30
C ASP A 266 -27.89 -11.52 -3.71
N THR A 267 -28.36 -12.65 -4.25
CA THR A 267 -29.57 -13.28 -3.72
C THR A 267 -29.25 -14.67 -3.17
N ASP A 268 -27.96 -15.01 -3.16
CA ASP A 268 -27.49 -16.29 -2.65
C ASP A 268 -26.86 -16.08 -1.28
N ARG A 269 -27.46 -16.67 -0.25
CA ARG A 269 -26.94 -16.51 1.11
C ARG A 269 -25.49 -16.96 1.27
N HIS A 270 -25.08 -17.95 0.49
CA HIS A 270 -23.70 -18.45 0.57
C HIS A 270 -22.70 -17.43 0.04
N SER A 271 -23.07 -16.74 -1.04
CA SER A 271 -22.21 -15.72 -1.62
C SER A 271 -22.20 -14.52 -0.69
N ILE A 272 -23.36 -14.19 -0.12
CA ILE A 272 -23.47 -13.07 0.80
C ILE A 272 -22.58 -13.32 2.03
N ALA A 273 -22.61 -14.54 2.55
CA ALA A 273 -21.78 -14.91 3.70
C ALA A 273 -20.29 -14.84 3.37
N ALA A 274 -19.94 -15.31 2.17
CA ALA A 274 -18.54 -15.29 1.72
C ALA A 274 -18.05 -13.85 1.65
N THR A 275 -18.95 -12.95 1.25
CA THR A 275 -18.64 -11.53 1.13
C THR A 275 -18.32 -10.94 2.49
N GLU A 276 -19.13 -11.30 3.49
CA GLU A 276 -18.91 -10.80 4.83
C GLU A 276 -17.65 -11.41 5.45
N ARG A 277 -17.38 -12.67 5.12
CA ARG A 277 -16.17 -13.32 5.62
C ARG A 277 -14.95 -12.62 5.04
N MET A 278 -15.03 -12.25 3.77
CA MET A 278 -13.93 -11.55 3.12
C MET A 278 -13.60 -10.25 3.81
N LYS A 279 -14.63 -9.52 4.24
CA LYS A 279 -14.40 -8.25 4.93
C LYS A 279 -13.63 -8.52 6.23
N GLU A 280 -14.00 -9.58 6.92
CA GLU A 280 -13.33 -9.93 8.17
C GLU A 280 -11.91 -10.47 7.97
N PHE A 281 -11.73 -11.33 6.97
CA PHE A 281 -10.42 -11.91 6.71
C PHE A 281 -9.43 -10.98 6.05
N PHE A 282 -9.95 -10.03 5.27
CA PHE A 282 -9.11 -9.08 4.56
C PHE A 282 -8.85 -7.81 5.36
N LEU A 283 -9.93 -7.21 5.89
CA LEU A 283 -9.81 -5.98 6.68
C LEU A 283 -9.75 -6.25 8.17
N GLY A 284 -10.66 -7.08 8.66
CA GLY A 284 -10.74 -7.39 10.07
C GLY A 284 -9.51 -8.02 10.68
N TRP A 285 -8.76 -8.78 9.88
CA TRP A 285 -7.54 -9.44 10.31
C TRP A 285 -6.63 -8.44 11.04
N PHE A 286 -6.62 -7.20 10.55
CA PHE A 286 -5.80 -6.16 11.14
C PHE A 286 -6.61 -5.12 11.89
N MET A 287 -7.77 -4.76 11.36
CA MET A 287 -8.60 -3.76 12.00
C MET A 287 -9.21 -4.23 13.32
N GLY A 288 -9.43 -5.54 13.44
CA GLY A 288 -9.95 -6.08 14.69
C GLY A 288 -8.92 -5.81 15.77
N PRO A 289 -7.67 -6.25 15.58
CA PRO A 289 -6.63 -6.00 16.58
C PRO A 289 -6.43 -4.50 16.84
N LEU A 290 -6.42 -3.71 15.76
CA LEU A 290 -6.21 -2.27 15.89
C LEU A 290 -7.31 -1.52 16.63
N THR A 291 -8.54 -2.02 16.58
CA THR A 291 -9.65 -1.33 17.26
C THR A 291 -10.16 -2.05 18.49
N ASN A 292 -9.78 -3.31 18.66
CA ASN A 292 -10.28 -4.07 19.79
C ASN A 292 -9.26 -4.98 20.49
N GLY A 293 -8.07 -5.09 19.90
CA GLY A 293 -7.03 -5.91 20.50
C GLY A 293 -7.23 -7.40 20.31
N THR A 294 -8.14 -7.79 19.42
CA THR A 294 -8.42 -9.19 19.15
C THR A 294 -8.71 -9.40 17.67
N TYR A 295 -8.48 -10.63 17.21
CA TYR A 295 -8.76 -10.98 15.82
C TYR A 295 -10.28 -11.24 15.72
N PRO A 296 -10.84 -11.09 14.52
CA PRO A 296 -12.28 -11.31 14.32
C PRO A 296 -12.64 -12.73 14.76
N GLN A 297 -13.84 -12.91 15.31
CA GLN A 297 -14.26 -14.23 15.76
C GLN A 297 -14.22 -15.29 14.66
N ILE A 298 -14.63 -14.92 13.45
CA ILE A 298 -14.63 -15.88 12.35
C ILE A 298 -13.22 -16.38 12.07
N MET A 299 -12.21 -15.54 12.28
CA MET A 299 -10.83 -15.96 12.08
C MET A 299 -10.39 -16.87 13.22
N ILE A 300 -10.79 -16.51 14.44
CA ILE A 300 -10.44 -17.32 15.61
C ILE A 300 -11.01 -18.73 15.44
N ASP A 301 -12.26 -18.81 14.99
CA ASP A 301 -12.93 -20.09 14.79
C ASP A 301 -12.36 -20.92 13.65
N THR A 302 -12.10 -20.28 12.51
CA THR A 302 -11.59 -20.95 11.33
C THR A 302 -10.12 -21.33 11.37
N VAL A 303 -9.28 -20.37 11.76
CA VAL A 303 -7.85 -20.57 11.79
C VAL A 303 -7.37 -21.38 13.00
N GLY A 304 -8.15 -21.33 14.08
CA GLY A 304 -7.83 -22.10 15.28
C GLY A 304 -6.42 -22.01 15.82
N GLU A 305 -5.77 -23.17 15.94
CA GLU A 305 -4.42 -23.28 16.47
C GLU A 305 -3.36 -22.51 15.67
N ARG A 306 -3.65 -22.24 14.40
CA ARG A 306 -2.71 -21.51 13.54
C ARG A 306 -2.77 -20.00 13.75
N LEU A 307 -3.75 -19.53 14.52
CA LEU A 307 -3.88 -18.10 14.77
C LEU A 307 -3.26 -17.75 16.11
N PRO A 308 -2.20 -16.94 16.11
CA PRO A 308 -1.55 -16.56 17.37
C PRO A 308 -2.48 -15.78 18.29
N SER A 309 -2.22 -15.86 19.59
CA SER A 309 -3.03 -15.13 20.56
C SER A 309 -2.23 -13.96 21.10
N PHE A 310 -2.93 -12.88 21.43
CA PHE A 310 -2.31 -11.71 22.02
C PHE A 310 -2.42 -11.87 23.53
N SER A 311 -1.34 -11.54 24.25
CA SER A 311 -1.38 -11.59 25.70
C SER A 311 -2.16 -10.33 26.09
N PRO A 312 -2.64 -10.23 27.33
CA PRO A 312 -3.39 -9.04 27.74
C PRO A 312 -2.59 -7.75 27.47
N GLU A 313 -1.29 -7.81 27.74
CA GLU A 313 -0.40 -6.66 27.54
C GLU A 313 -0.30 -6.30 26.05
N GLU A 314 -0.14 -7.33 25.21
CA GLU A 314 -0.04 -7.13 23.77
C GLU A 314 -1.35 -6.61 23.20
N SER A 315 -2.46 -7.14 23.68
CA SER A 315 -3.78 -6.72 23.22
C SER A 315 -4.00 -5.23 23.53
N ASN A 316 -3.59 -4.82 24.72
CA ASN A 316 -3.72 -3.44 25.14
C ASN A 316 -2.82 -2.53 24.31
N LEU A 317 -1.64 -3.05 23.96
CA LEU A 317 -0.66 -2.31 23.17
C LEU A 317 -1.15 -2.10 21.74
N VAL A 318 -1.72 -3.13 21.15
CA VAL A 318 -2.21 -3.07 19.77
C VAL A 318 -3.52 -2.30 19.63
N LYS A 319 -4.42 -2.45 20.60
CA LYS A 319 -5.70 -1.77 20.54
C LYS A 319 -5.53 -0.25 20.58
N GLY A 320 -6.10 0.40 19.58
CA GLY A 320 -6.04 1.86 19.49
C GLY A 320 -4.68 2.40 19.10
N SER A 321 -3.82 1.55 18.55
CA SER A 321 -2.46 1.95 18.16
C SER A 321 -2.37 2.73 16.86
N TYR A 322 -3.11 3.84 16.80
CA TYR A 322 -3.10 4.70 15.63
C TYR A 322 -3.76 6.02 15.92
N ASP A 323 -3.27 7.07 15.27
CA ASP A 323 -3.84 8.41 15.39
C ASP A 323 -4.69 8.61 14.15
N PHE A 324 -4.36 7.87 13.10
CA PHE A 324 -5.09 7.90 11.84
C PHE A 324 -4.79 6.63 11.07
N LEU A 325 -5.54 6.40 10.00
CA LEU A 325 -5.33 5.24 9.18
C LEU A 325 -4.96 5.67 7.78
N GLY A 326 -3.92 5.05 7.24
CA GLY A 326 -3.52 5.33 5.88
C GLY A 326 -4.24 4.25 5.10
N LEU A 327 -5.22 4.62 4.29
CA LEU A 327 -5.96 3.64 3.53
C LEU A 327 -5.63 3.66 2.05
N ASN A 328 -5.10 2.54 1.57
CA ASN A 328 -4.79 2.40 0.15
C ASN A 328 -6.02 1.73 -0.46
N TYR A 329 -6.45 2.20 -1.62
CA TYR A 329 -7.59 1.61 -2.29
C TYR A 329 -7.38 1.56 -3.80
N TYR A 330 -7.67 0.40 -4.38
CA TYR A 330 -7.52 0.22 -5.81
C TYR A 330 -8.73 -0.38 -6.48
N PHE A 331 -9.26 -1.47 -5.92
CA PHE A 331 -10.39 -2.14 -6.53
C PHE A 331 -11.28 -2.93 -5.57
N THR A 332 -12.36 -3.47 -6.15
CA THR A 332 -13.35 -4.24 -5.42
C THR A 332 -13.57 -5.59 -6.12
N GLN A 333 -13.87 -6.62 -5.34
CA GLN A 333 -14.09 -7.93 -5.91
C GLN A 333 -15.40 -8.56 -5.48
N TYR A 334 -15.92 -9.44 -6.31
CA TYR A 334 -17.13 -10.19 -6.01
C TYR A 334 -16.63 -11.41 -5.24
N ALA A 335 -17.40 -11.85 -4.25
CA ALA A 335 -17.01 -13.00 -3.46
C ALA A 335 -18.06 -14.10 -3.52
N GLN A 336 -17.58 -15.34 -3.65
CA GLN A 336 -18.45 -16.50 -3.69
C GLN A 336 -17.79 -17.54 -2.78
N PRO A 337 -18.57 -18.51 -2.29
CA PRO A 337 -17.97 -19.52 -1.42
C PRO A 337 -16.91 -20.39 -2.11
N SER A 338 -15.96 -20.86 -1.31
CA SER A 338 -14.88 -21.72 -1.80
C SER A 338 -14.46 -22.61 -0.64
N PRO A 339 -14.12 -23.88 -0.93
CA PRO A 339 -13.70 -24.81 0.11
C PRO A 339 -12.39 -24.37 0.77
N ASN A 340 -12.19 -24.81 2.01
CA ASN A 340 -10.98 -24.50 2.75
C ASN A 340 -10.32 -25.82 3.15
N PRO A 341 -9.50 -26.41 2.26
CA PRO A 341 -8.81 -27.69 2.51
C PRO A 341 -7.57 -27.55 3.38
N VAL A 342 -7.80 -27.39 4.69
CA VAL A 342 -6.71 -27.21 5.66
C VAL A 342 -5.71 -28.37 5.70
N ASN A 343 -6.15 -29.57 5.35
CA ASN A 343 -5.28 -30.75 5.37
C ASN A 343 -4.41 -30.91 4.13
N SER A 344 -4.76 -30.22 3.05
CA SER A 344 -3.99 -30.29 1.80
C SER A 344 -2.60 -29.69 1.99
N THR A 345 -1.60 -30.30 1.35
CA THR A 345 -0.23 -29.81 1.44
C THR A 345 -0.09 -28.44 0.79
N ASN A 346 -1.02 -28.10 -0.11
CA ASN A 346 -0.99 -26.81 -0.79
C ASN A 346 -1.89 -25.76 -0.13
N HIS A 347 -2.34 -26.04 1.09
CA HIS A 347 -3.21 -25.10 1.78
C HIS A 347 -2.49 -23.79 2.07
N THR A 348 -3.20 -22.68 1.88
CA THR A 348 -2.63 -21.38 2.16
C THR A 348 -3.55 -20.65 3.13
N ALA A 349 -3.00 -19.67 3.84
CA ALA A 349 -3.78 -18.90 4.78
C ALA A 349 -4.95 -18.20 4.07
N MET A 350 -4.72 -17.81 2.82
CA MET A 350 -5.73 -17.13 2.02
C MET A 350 -6.98 -17.97 1.79
N MET A 351 -6.84 -19.29 1.86
CA MET A 351 -7.98 -20.19 1.66
C MET A 351 -8.92 -20.21 2.87
N ASP A 352 -8.39 -19.80 4.02
CA ASP A 352 -9.17 -19.78 5.26
C ASP A 352 -10.44 -18.94 5.17
N ALA A 353 -10.43 -17.90 4.33
CA ALA A 353 -11.61 -17.05 4.18
C ALA A 353 -12.79 -17.81 3.56
N GLY A 354 -12.49 -18.92 2.89
CA GLY A 354 -13.53 -19.73 2.28
C GLY A 354 -14.26 -18.97 1.18
N ALA A 355 -13.51 -18.21 0.40
CA ALA A 355 -14.10 -17.42 -0.65
C ALA A 355 -13.24 -17.34 -1.90
N LYS A 356 -13.90 -17.33 -3.05
CA LYS A 356 -13.25 -17.20 -4.34
C LYS A 356 -13.62 -15.79 -4.81
N LEU A 357 -12.62 -15.06 -5.32
CA LEU A 357 -12.82 -13.69 -5.75
C LEU A 357 -12.78 -13.53 -7.26
N THR A 358 -13.69 -12.72 -7.79
CA THR A 358 -13.78 -12.47 -9.22
C THR A 358 -14.15 -11.02 -9.46
N TYR A 359 -14.08 -10.60 -10.72
CA TYR A 359 -14.44 -9.23 -11.10
C TYR A 359 -15.71 -9.27 -11.95
N ILE A 360 -16.28 -10.46 -12.10
CA ILE A 360 -17.49 -10.68 -12.87
C ILE A 360 -18.47 -11.41 -11.94
N ASN A 361 -19.72 -10.99 -11.90
CA ASN A 361 -20.66 -11.66 -11.02
C ASN A 361 -21.38 -12.83 -11.68
N ALA A 362 -22.26 -13.49 -10.94
CA ALA A 362 -22.99 -14.65 -11.44
C ALA A 362 -23.77 -14.44 -12.72
N SER A 363 -24.25 -13.21 -12.93
CA SER A 363 -25.02 -12.89 -14.12
C SER A 363 -24.14 -12.40 -15.29
N GLY A 364 -22.82 -12.48 -15.11
CA GLY A 364 -21.90 -12.06 -16.16
C GLY A 364 -21.55 -10.59 -16.22
N HIS A 365 -21.91 -9.85 -15.18
CA HIS A 365 -21.64 -8.43 -15.11
C HIS A 365 -20.23 -8.12 -14.62
N TYR A 366 -19.45 -7.39 -15.44
CA TYR A 366 -18.11 -6.97 -15.04
C TYR A 366 -18.33 -5.79 -14.11
N ILE A 367 -17.67 -5.81 -12.95
CA ILE A 367 -17.83 -4.79 -11.93
C ILE A 367 -17.60 -3.33 -12.36
N GLY A 368 -16.73 -3.12 -13.34
CA GLY A 368 -16.46 -1.78 -13.79
C GLY A 368 -15.47 -1.78 -14.93
N PRO A 369 -14.87 -0.62 -15.25
CA PRO A 369 -13.89 -0.50 -16.33
C PRO A 369 -12.62 -1.31 -16.07
N LEU A 370 -11.90 -1.60 -17.14
CA LEU A 370 -10.65 -2.35 -17.06
C LEU A 370 -9.64 -1.62 -16.18
N PHE A 371 -9.00 -2.36 -15.29
CA PHE A 371 -8.00 -1.81 -14.39
C PHE A 371 -6.61 -2.28 -14.85
N GLU A 372 -6.49 -3.57 -15.11
CA GLU A 372 -5.22 -4.14 -15.57
C GLU A 372 -5.47 -5.35 -16.47
N LYS A 373 -4.93 -5.27 -17.68
CA LYS A 373 -5.05 -6.35 -18.65
C LYS A 373 -3.94 -7.37 -18.46
N ASP A 374 -4.32 -8.63 -18.29
CA ASP A 374 -3.37 -9.72 -18.11
C ASP A 374 -3.20 -10.42 -19.46
N LYS A 375 -2.02 -10.27 -20.05
CA LYS A 375 -1.71 -10.89 -21.34
C LYS A 375 -1.63 -12.41 -21.28
N ALA A 376 -1.17 -12.93 -20.15
CA ALA A 376 -1.05 -14.38 -19.95
C ALA A 376 -2.41 -15.07 -19.96
N ASP A 377 -3.43 -14.37 -19.48
CA ASP A 377 -4.78 -14.93 -19.42
C ASP A 377 -5.82 -13.79 -19.36
N SER A 378 -6.73 -13.78 -20.33
CA SER A 378 -7.78 -12.77 -20.42
C SER A 378 -8.73 -12.82 -19.23
N THR A 379 -9.01 -14.02 -18.74
CA THR A 379 -9.91 -14.21 -17.61
C THR A 379 -9.30 -13.78 -16.28
N ASP A 380 -8.03 -13.34 -16.32
CA ASP A 380 -7.33 -12.89 -15.12
C ASP A 380 -7.19 -11.36 -15.06
N ASN A 381 -7.95 -10.66 -15.91
CA ASN A 381 -7.92 -9.20 -15.94
C ASN A 381 -8.55 -8.65 -14.68
N ILE A 382 -8.08 -7.47 -14.27
CA ILE A 382 -8.63 -6.80 -13.09
C ILE A 382 -9.48 -5.64 -13.58
N TYR A 383 -10.61 -5.40 -12.91
CA TYR A 383 -11.50 -4.31 -13.27
C TYR A 383 -11.73 -3.48 -12.02
N TYR A 384 -11.94 -2.18 -12.19
CA TYR A 384 -12.16 -1.31 -11.04
C TYR A 384 -13.62 -0.98 -10.78
N TYR A 385 -13.87 -0.29 -9.67
CA TYR A 385 -15.21 0.01 -9.22
C TYR A 385 -15.13 1.29 -8.37
N PRO A 386 -15.35 2.45 -9.00
CA PRO A 386 -15.28 3.74 -8.31
C PRO A 386 -16.07 3.85 -7.02
N LYS A 387 -17.26 3.26 -6.99
CA LYS A 387 -18.09 3.31 -5.79
C LYS A 387 -17.44 2.59 -4.61
N GLY A 388 -16.48 1.72 -4.90
CA GLY A 388 -15.79 0.98 -3.87
C GLY A 388 -15.13 1.87 -2.84
N ILE A 389 -14.58 3.01 -3.27
CA ILE A 389 -13.92 3.89 -2.31
C ILE A 389 -14.95 4.49 -1.35
N TYR A 390 -16.17 4.73 -1.85
CA TYR A 390 -17.25 5.27 -1.03
C TYR A 390 -17.63 4.21 0.00
N SER A 391 -17.84 2.98 -0.47
CA SER A 391 -18.21 1.88 0.39
C SER A 391 -17.15 1.57 1.46
N VAL A 392 -15.88 1.62 1.08
CA VAL A 392 -14.80 1.36 2.03
C VAL A 392 -14.76 2.42 3.12
N MET A 393 -14.81 3.69 2.72
CA MET A 393 -14.77 4.78 3.70
C MET A 393 -15.96 4.73 4.65
N ASP A 394 -17.14 4.47 4.10
CA ASP A 394 -18.37 4.38 4.90
C ASP A 394 -18.23 3.24 5.91
N TYR A 395 -17.68 2.12 5.45
CA TYR A 395 -17.49 0.95 6.29
C TYR A 395 -16.52 1.25 7.42
N PHE A 396 -15.40 1.90 7.12
CA PHE A 396 -14.43 2.23 8.15
C PHE A 396 -14.99 3.17 9.20
N LYS A 397 -15.76 4.17 8.78
CA LYS A 397 -16.34 5.10 9.74
C LYS A 397 -17.33 4.40 10.67
N ASN A 398 -18.23 3.61 10.09
CA ASN A 398 -19.26 2.95 10.87
C ASN A 398 -18.88 1.68 11.62
N LYS A 399 -17.90 0.95 11.08
CA LYS A 399 -17.47 -0.30 11.69
C LYS A 399 -16.24 -0.12 12.59
N TYR A 400 -15.36 0.81 12.20
CA TYR A 400 -14.12 1.02 12.94
C TYR A 400 -13.94 2.32 13.70
N TYR A 401 -15.02 2.73 14.38
CA TYR A 401 -15.01 3.90 15.25
C TYR A 401 -14.63 5.27 14.70
N ASN A 402 -15.16 5.61 13.52
CA ASN A 402 -14.95 6.93 12.93
C ASN A 402 -13.50 7.41 12.98
N PRO A 403 -12.59 6.70 12.30
CA PRO A 403 -11.19 7.09 12.31
C PRO A 403 -10.83 8.25 11.39
N LEU A 404 -9.71 8.90 11.69
CA LEU A 404 -9.19 9.96 10.84
C LEU A 404 -8.52 9.16 9.73
N ILE A 405 -8.82 9.50 8.48
CA ILE A 405 -8.30 8.77 7.34
C ILE A 405 -7.60 9.64 6.31
N TYR A 406 -6.54 9.09 5.74
CA TYR A 406 -5.82 9.72 4.65
C TYR A 406 -5.73 8.63 3.60
N VAL A 407 -6.19 8.92 2.39
CA VAL A 407 -6.09 7.92 1.31
C VAL A 407 -4.63 8.01 0.89
N THR A 408 -3.87 6.99 1.26
CA THR A 408 -2.43 6.98 1.00
C THR A 408 -1.95 6.41 -0.33
N GLU A 409 -2.87 5.78 -1.08
CA GLU A 409 -2.60 5.25 -2.41
C GLU A 409 -3.91 5.01 -3.15
N ASN A 410 -3.92 5.38 -4.42
CA ASN A 410 -5.07 5.19 -5.30
C ASN A 410 -4.53 5.51 -6.69
N GLY A 411 -4.53 4.52 -7.57
CA GLY A 411 -3.99 4.76 -8.91
C GLY A 411 -4.26 3.60 -9.84
N ILE A 412 -3.79 3.72 -11.08
CA ILE A 412 -4.01 2.68 -12.08
C ILE A 412 -2.81 2.60 -13.01
N SER A 413 -2.54 1.42 -13.54
CA SER A 413 -1.41 1.24 -14.44
C SER A 413 -1.81 1.29 -15.90
N THR A 414 -0.81 1.53 -16.74
CA THR A 414 -0.96 1.53 -18.19
C THR A 414 0.17 0.63 -18.64
N PRO A 415 0.00 -0.07 -19.77
CA PRO A 415 1.02 -0.98 -20.32
C PRO A 415 2.40 -0.37 -20.52
N GLY A 416 3.43 -1.18 -20.27
CA GLY A 416 4.79 -0.74 -20.46
C GLY A 416 5.18 -0.81 -21.92
N ASP A 417 4.38 -1.52 -22.72
CA ASP A 417 4.63 -1.68 -24.15
C ASP A 417 4.37 -0.40 -24.94
N GLU A 418 3.52 0.46 -24.41
CA GLU A 418 3.18 1.72 -25.07
C GLU A 418 4.41 2.61 -25.23
N ASN A 419 4.46 3.35 -26.34
CA ASN A 419 5.58 4.25 -26.60
C ASN A 419 5.41 5.53 -25.77
N ARG A 420 6.34 6.47 -25.91
CA ARG A 420 6.30 7.72 -25.15
C ARG A 420 4.98 8.49 -25.33
N ASN A 421 4.60 8.74 -26.57
CA ASN A 421 3.36 9.47 -26.85
C ASN A 421 2.12 8.80 -26.27
N GLN A 422 2.00 7.49 -26.46
CA GLN A 422 0.86 6.73 -25.94
C GLN A 422 0.83 6.79 -24.42
N SER A 423 1.99 6.63 -23.80
CA SER A 423 2.11 6.66 -22.34
C SER A 423 1.74 8.02 -21.77
N MET A 424 2.07 9.08 -22.49
CA MET A 424 1.77 10.45 -22.06
C MET A 424 0.27 10.75 -22.13
N LEU A 425 -0.41 10.15 -23.12
CA LEU A 425 -1.83 10.34 -23.30
C LEU A 425 -2.61 9.33 -22.47
N ASP A 426 -2.40 9.39 -21.16
CA ASP A 426 -3.03 8.45 -20.24
C ASP A 426 -4.43 8.89 -19.75
N TYR A 427 -5.37 9.00 -20.69
CA TYR A 427 -6.72 9.39 -20.34
C TYR A 427 -7.40 8.37 -19.41
N THR A 428 -6.98 7.11 -19.50
CA THR A 428 -7.56 6.08 -18.64
C THR A 428 -7.23 6.36 -17.19
N ARG A 429 -6.07 7.00 -16.96
CA ARG A 429 -5.65 7.33 -15.61
C ARG A 429 -6.48 8.50 -15.08
N ILE A 430 -6.76 9.49 -15.93
CA ILE A 430 -7.58 10.62 -15.52
C ILE A 430 -8.96 10.09 -15.09
N ASP A 431 -9.51 9.19 -15.91
CA ASP A 431 -10.81 8.60 -15.63
C ASP A 431 -10.84 7.86 -14.31
N TYR A 432 -9.81 7.06 -14.07
CA TYR A 432 -9.72 6.32 -12.83
C TYR A 432 -9.63 7.25 -11.63
N LEU A 433 -8.69 8.19 -11.67
CA LEU A 433 -8.49 9.11 -10.56
C LEU A 433 -9.71 10.00 -10.28
N CYS A 434 -10.29 10.59 -11.32
CA CYS A 434 -11.44 11.47 -11.10
C CYS A 434 -12.69 10.76 -10.63
N SER A 435 -12.90 9.54 -11.13
CA SER A 435 -14.09 8.78 -10.74
C SER A 435 -14.02 8.40 -9.27
N HIS A 436 -12.81 8.13 -8.78
CA HIS A 436 -12.63 7.80 -7.38
C HIS A 436 -12.71 9.05 -6.50
N LEU A 437 -12.17 10.16 -7.01
CA LEU A 437 -12.23 11.41 -6.27
C LEU A 437 -13.67 11.88 -6.15
N CYS A 438 -14.47 11.63 -7.18
CA CYS A 438 -15.88 12.02 -7.14
C CYS A 438 -16.55 11.31 -5.98
N PHE A 439 -16.38 9.99 -5.93
CA PHE A 439 -16.96 9.19 -4.86
C PHE A 439 -16.40 9.50 -3.49
N LEU A 440 -15.14 9.89 -3.43
CA LEU A 440 -14.52 10.23 -2.15
C LEU A 440 -15.18 11.52 -1.63
N ASN A 441 -15.37 12.50 -2.51
CA ASN A 441 -16.01 13.75 -2.13
C ASN A 441 -17.44 13.43 -1.69
N LYS A 442 -18.09 12.52 -2.41
CA LYS A 442 -19.46 12.12 -2.11
C LYS A 442 -19.60 11.47 -0.74
N VAL A 443 -18.67 10.58 -0.39
CA VAL A 443 -18.74 9.91 0.90
C VAL A 443 -18.44 10.83 2.07
N ILE A 444 -17.55 11.79 1.86
CA ILE A 444 -17.20 12.74 2.91
C ILE A 444 -18.41 13.61 3.22
N LYS A 445 -19.11 14.04 2.17
CA LYS A 445 -20.29 14.88 2.33
C LYS A 445 -21.54 14.15 2.83
N GLU A 446 -21.78 12.96 2.29
CA GLU A 446 -22.96 12.19 2.66
C GLU A 446 -22.86 11.37 3.93
N LYS A 447 -21.68 10.81 4.19
CA LYS A 447 -21.48 9.97 5.35
C LYS A 447 -20.64 10.59 6.45
N ASP A 448 -20.10 11.78 6.17
CA ASP A 448 -19.27 12.51 7.13
C ASP A 448 -18.04 11.73 7.56
N VAL A 449 -17.43 11.00 6.63
CA VAL A 449 -16.23 10.23 6.94
C VAL A 449 -15.10 11.24 7.11
N ASN A 450 -14.27 11.03 8.13
CA ASN A 450 -13.17 11.94 8.41
C ASN A 450 -11.92 11.72 7.56
N VAL A 451 -12.06 11.96 6.26
CA VAL A 451 -10.95 11.84 5.32
C VAL A 451 -10.35 13.24 5.16
N LYS A 452 -9.05 13.37 5.38
CA LYS A 452 -8.41 14.68 5.28
C LYS A 452 -7.32 14.80 4.23
N GLY A 453 -7.11 13.75 3.45
CA GLY A 453 -6.09 13.82 2.42
C GLY A 453 -6.21 12.71 1.39
N TYR A 454 -5.62 12.95 0.23
CA TYR A 454 -5.63 11.98 -0.86
C TYR A 454 -4.30 12.05 -1.59
N LEU A 455 -3.62 10.91 -1.67
CA LEU A 455 -2.33 10.81 -2.34
C LEU A 455 -2.44 9.75 -3.43
N ALA A 456 -2.37 10.19 -4.68
CA ALA A 456 -2.46 9.29 -5.83
C ALA A 456 -1.20 8.46 -5.96
N TRP A 457 -1.34 7.20 -6.34
CA TRP A 457 -0.17 6.34 -6.46
C TRP A 457 0.78 6.63 -7.61
N ALA A 458 2.05 6.68 -7.25
CA ALA A 458 3.14 6.93 -8.16
C ALA A 458 3.25 8.33 -8.74
N LEU A 459 4.15 9.08 -8.14
CA LEU A 459 4.46 10.44 -8.56
C LEU A 459 4.94 10.29 -10.01
N GLY A 460 5.67 9.21 -10.26
CA GLY A 460 6.19 8.94 -11.59
C GLY A 460 6.34 7.43 -11.82
N ASP A 461 6.74 7.06 -13.03
CA ASP A 461 6.91 5.65 -13.38
C ASP A 461 8.11 5.07 -12.65
N ASN A 462 7.95 3.88 -12.09
CA ASN A 462 9.02 3.25 -11.33
C ASN A 462 8.96 1.73 -11.42
N TYR A 463 9.80 1.05 -10.65
CA TYR A 463 9.76 -0.41 -10.65
C TYR A 463 8.50 -0.79 -9.90
N GLU A 464 7.70 -1.65 -10.49
N GLU A 464 7.70 -1.65 -10.49
CA GLU A 464 6.47 -2.09 -9.84
CA GLU A 464 6.46 -2.08 -9.86
C GLU A 464 6.65 -3.51 -9.35
C GLU A 464 6.65 -3.51 -9.36
N PHE A 465 6.42 -3.71 -8.05
CA PHE A 465 6.56 -5.02 -7.42
C PHE A 465 5.85 -6.10 -8.24
N ASN A 466 6.59 -7.15 -8.57
CA ASN A 466 6.10 -8.29 -9.35
C ASN A 466 5.96 -8.05 -10.84
N LYS A 467 5.92 -6.77 -11.25
CA LYS A 467 5.73 -6.44 -12.66
C LYS A 467 6.92 -5.82 -13.37
N GLY A 468 7.98 -5.50 -12.62
CA GLY A 468 9.14 -4.88 -13.23
C GLY A 468 8.78 -3.53 -13.82
N PHE A 469 9.06 -3.35 -15.10
CA PHE A 469 8.76 -2.11 -15.79
C PHE A 469 7.74 -2.34 -16.92
N THR A 470 7.01 -3.45 -16.82
CA THR A 470 6.00 -3.81 -17.81
C THR A 470 4.72 -3.00 -17.67
N VAL A 471 4.59 -2.26 -16.57
CA VAL A 471 3.43 -1.42 -16.32
C VAL A 471 3.90 -0.09 -15.74
N ARG A 472 3.17 0.98 -16.05
CA ARG A 472 3.49 2.31 -15.56
C ARG A 472 2.34 2.80 -14.69
N PHE A 473 2.65 3.38 -13.53
CA PHE A 473 1.63 3.90 -12.62
C PHE A 473 1.78 5.41 -12.40
N GLY A 474 2.84 5.99 -12.91
CA GLY A 474 3.07 7.41 -12.67
C GLY A 474 2.20 8.45 -13.31
N LEU A 475 2.05 9.58 -12.60
CA LEU A 475 1.30 10.71 -13.14
C LEU A 475 2.31 11.52 -13.97
N SER A 476 3.59 11.21 -13.78
CA SER A 476 4.68 11.84 -14.53
C SER A 476 5.45 10.71 -15.22
N TYR A 477 5.82 10.96 -16.47
CA TYR A 477 6.53 10.00 -17.31
C TYR A 477 8.03 9.98 -17.08
N ILE A 478 8.62 8.80 -17.22
CA ILE A 478 10.06 8.61 -17.05
C ILE A 478 10.61 7.72 -18.16
N ASP A 479 11.57 8.25 -18.91
CA ASP A 479 12.21 7.52 -20.00
C ASP A 479 13.27 6.63 -19.37
N TRP A 480 13.16 5.32 -19.55
CA TRP A 480 14.11 4.39 -18.98
C TRP A 480 15.50 4.44 -19.59
N ASN A 481 15.64 5.15 -20.71
CA ASN A 481 16.93 5.31 -21.38
C ASN A 481 17.65 6.54 -20.82
N ASN A 482 16.89 7.39 -20.15
CA ASN A 482 17.41 8.62 -19.52
C ASN A 482 16.37 9.02 -18.48
N VAL A 483 16.50 8.43 -17.29
CA VAL A 483 15.58 8.63 -16.17
C VAL A 483 15.61 9.98 -15.47
N THR A 484 16.43 10.91 -15.95
CA THR A 484 16.54 12.24 -15.33
C THR A 484 15.22 13.00 -15.22
N ASP A 485 14.57 13.20 -16.36
CA ASP A 485 13.31 13.95 -16.40
C ASP A 485 12.05 13.27 -15.87
N ARG A 486 11.17 14.09 -15.32
CA ARG A 486 9.89 13.66 -14.77
C ARG A 486 8.88 14.59 -15.45
N ASP A 487 8.36 14.17 -16.60
CA ASP A 487 7.40 14.98 -17.34
C ASP A 487 5.94 14.61 -17.05
N LEU A 488 5.14 15.60 -16.65
CA LEU A 488 3.73 15.35 -16.35
C LEU A 488 2.99 14.79 -17.55
N LYS A 489 2.30 13.68 -17.33
CA LYS A 489 1.49 13.07 -18.38
C LYS A 489 0.18 13.84 -18.43
N LYS A 490 -0.76 13.42 -19.26
CA LYS A 490 -2.05 14.09 -19.33
C LYS A 490 -2.72 14.04 -17.96
N SER A 491 -2.54 12.92 -17.25
CA SER A 491 -3.12 12.76 -15.91
C SER A 491 -2.50 13.77 -14.95
N GLY A 492 -1.17 13.92 -15.02
CA GLY A 492 -0.47 14.87 -14.17
C GLY A 492 -0.95 16.28 -14.44
N GLN A 493 -1.14 16.60 -15.73
CA GLN A 493 -1.61 17.92 -16.13
C GLN A 493 -3.05 18.14 -15.64
N TRP A 494 -3.88 17.10 -15.70
CA TRP A 494 -5.25 17.21 -15.22
C TRP A 494 -5.25 17.42 -13.71
N TYR A 495 -4.46 16.62 -13.00
CA TYR A 495 -4.37 16.70 -11.54
C TYR A 495 -3.94 18.09 -11.12
N GLN A 496 -3.05 18.70 -11.91
CA GLN A 496 -2.56 20.05 -11.64
C GLN A 496 -3.75 21.01 -11.70
N SER A 497 -4.58 20.86 -12.72
CA SER A 497 -5.76 21.71 -12.88
C SER A 497 -6.78 21.42 -11.79
N PHE A 498 -6.94 20.14 -11.45
CA PHE A 498 -7.87 19.73 -10.39
C PHE A 498 -7.49 20.42 -9.08
N ILE A 499 -6.20 20.41 -8.76
CA ILE A 499 -5.69 21.01 -7.52
C ILE A 499 -5.84 22.53 -7.49
N SER A 500 -5.54 23.17 -8.62
CA SER A 500 -5.64 24.62 -8.74
C SER A 500 -6.49 24.94 -9.97
N PRO A 501 -7.82 24.83 -9.84
CA PRO A 501 -8.77 25.10 -10.93
C PRO A 501 -8.81 26.56 -11.40
#